data_2X4K
#
_entry.id   2X4K
#
_cell.length_a   50.190
_cell.length_b   50.190
_cell.length_c   150.620
_cell.angle_alpha   90.00
_cell.angle_beta   90.00
_cell.angle_gamma   120.00
#
_symmetry.space_group_name_H-M   'P 63 2 2'
#
loop_
_entity.id
_entity.type
_entity.pdbx_description
1 polymer '4-OXALOCROTONATE TAUTOMERASE'
2 non-polymer 'PHOSPHATE ION'
3 non-polymer 'ZINC ION'
4 non-polymer 'ACETATE ION'
5 water water
#
_entity_poly.entity_id   1
_entity_poly.type   'polypeptide(L)'
_entity_poly.pdbx_seq_one_letter_code
;SMMPIVNVKLLEGRSDEQLKNLVSEVTDAVEKTTGANRQAIHVVIEEMKPNHYGVAGVRKSDQ
;
_entity_poly.pdbx_strand_id   A,B
#
loop_
_chem_comp.id
_chem_comp.type
_chem_comp.name
_chem_comp.formula
ACT non-polymer 'ACETATE ION' 'C2 H3 O2 -1'
PO4 non-polymer 'PHOSPHATE ION' 'O4 P -3'
ZN non-polymer 'ZINC ION' 'Zn 2'
#
# COMPACT_ATOMS: atom_id res chain seq x y z
N SER A 1 3.88 -18.59 4.53
CA SER A 1 3.99 -17.33 5.32
C SER A 1 3.73 -16.11 4.42
N MET A 2 3.14 -15.07 5.00
CA MET A 2 2.37 -14.05 4.25
CA MET A 2 2.37 -14.05 4.26
C MET A 2 3.11 -13.07 3.34
N MET A 3 4.36 -12.75 3.65
CA MET A 3 5.19 -11.76 2.92
C MET A 3 4.49 -10.60 2.16
N PRO A 4 3.80 -9.72 2.90
CA PRO A 4 3.11 -8.65 2.20
C PRO A 4 4.06 -7.66 1.51
N ILE A 5 3.72 -7.29 0.28
CA ILE A 5 4.44 -6.29 -0.47
C ILE A 5 3.45 -5.22 -0.84
N VAL A 6 3.67 -4.01 -0.34
CA VAL A 6 2.79 -2.89 -0.53
C VAL A 6 3.46 -1.89 -1.44
N ASN A 7 2.72 -1.44 -2.45
CA ASN A 7 3.16 -0.39 -3.33
C ASN A 7 2.19 0.77 -3.20
N VAL A 8 2.72 1.96 -2.93
CA VAL A 8 1.88 3.14 -2.80
C VAL A 8 2.28 4.15 -3.88
N LYS A 9 1.38 4.41 -4.81
CA LYS A 9 1.56 5.45 -5.81
C LYS A 9 0.83 6.68 -5.33
N LEU A 10 1.51 7.82 -5.30
CA LEU A 10 0.84 9.05 -4.89
C LEU A 10 1.56 10.26 -5.47
N LEU A 11 0.90 11.40 -5.39
CA LEU A 11 1.42 12.64 -5.92
C LEU A 11 2.77 12.99 -5.31
N GLU A 12 3.70 13.42 -6.15
CA GLU A 12 5.02 13.82 -5.69
C GLU A 12 4.98 15.02 -4.76
N GLY A 13 6.09 15.23 -4.06
CA GLY A 13 6.27 16.40 -3.22
C GLY A 13 5.98 16.14 -1.75
N ARG A 14 5.86 14.87 -1.35
CA ARG A 14 5.62 14.56 0.05
C ARG A 14 6.89 14.87 0.84
N SER A 15 6.72 15.30 2.09
CA SER A 15 7.88 15.55 2.96
C SER A 15 8.50 14.23 3.38
N ASP A 16 9.76 14.26 3.79
CA ASP A 16 10.44 13.05 4.25
C ASP A 16 9.72 12.44 5.45
N GLU A 17 9.21 13.30 6.34
CA GLU A 17 8.48 12.83 7.52
C GLU A 17 7.15 12.20 7.14
N GLN A 18 6.44 12.78 6.19
CA GLN A 18 5.20 12.18 5.69
C GLN A 18 5.47 10.78 5.13
N LEU A 19 6.54 10.64 4.33
N LEU A 19 6.54 10.61 4.37
CA LEU A 19 6.99 9.35 3.78
CA LEU A 19 6.83 9.30 3.80
C LEU A 19 7.31 8.37 4.89
C LEU A 19 7.36 8.32 4.87
N LYS A 20 8.09 8.81 5.86
CA LYS A 20 8.50 7.99 7.00
C LYS A 20 7.27 7.45 7.73
N ASN A 21 6.33 8.34 8.02
CA ASN A 21 5.11 7.98 8.72
C ASN A 21 4.22 7.07 7.89
N LEU A 22 4.11 7.35 6.58
CA LEU A 22 3.34 6.49 5.69
C LEU A 22 3.84 5.06 5.74
N VAL A 23 5.16 4.88 5.64
CA VAL A 23 5.73 3.54 5.68
C VAL A 23 5.42 2.83 7.01
N SER A 24 5.58 3.55 8.12
CA SER A 24 5.32 2.94 9.42
C SER A 24 3.84 2.62 9.64
N GLU A 25 2.97 3.57 9.33
CA GLU A 25 1.53 3.40 9.59
C GLU A 25 0.89 2.40 8.64
N VAL A 26 1.30 2.37 7.37
CA VAL A 26 0.80 1.36 6.44
CA VAL A 26 0.78 1.35 6.46
C VAL A 26 1.23 -0.02 6.92
N THR A 27 2.45 -0.13 7.40
CA THR A 27 2.93 -1.41 7.95
C THR A 27 2.09 -1.83 9.15
N ASP A 28 1.81 -0.90 10.06
CA ASP A 28 0.94 -1.18 11.20
C ASP A 28 -0.40 -1.72 10.73
N ALA A 29 -0.98 -1.06 9.72
CA ALA A 29 -2.30 -1.43 9.20
C ALA A 29 -2.31 -2.85 8.64
N VAL A 30 -1.30 -3.18 7.85
CA VAL A 30 -1.21 -4.52 7.27
C VAL A 30 -1.04 -5.55 8.38
N GLU A 31 -0.14 -5.26 9.31
CA GLU A 31 0.15 -6.19 10.40
C GLU A 31 -1.09 -6.50 11.23
N LYS A 32 -1.80 -5.47 11.65
CA LYS A 32 -2.90 -5.69 12.59
C LYS A 32 -4.10 -6.35 11.93
N THR A 33 -4.32 -6.12 10.64
CA THR A 33 -5.52 -6.63 9.99
C THR A 33 -5.34 -8.03 9.41
N THR A 34 -4.10 -8.41 9.12
CA THR A 34 -3.81 -9.72 8.51
C THR A 34 -3.10 -10.70 9.44
N GLY A 35 -2.45 -10.21 10.48
CA GLY A 35 -1.63 -11.05 11.33
C GLY A 35 -0.27 -11.38 10.75
N ALA A 36 0.13 -10.71 9.66
CA ALA A 36 1.45 -10.92 9.09
C ALA A 36 2.53 -10.50 10.08
N ASN A 37 3.63 -11.26 10.09
CA ASN A 37 4.81 -10.88 10.84
C ASN A 37 5.34 -9.55 10.32
N ARG A 38 5.63 -8.63 11.22
CA ARG A 38 6.05 -7.30 10.81
C ARG A 38 7.30 -7.33 9.93
N GLN A 39 8.23 -8.24 10.23
CA GLN A 39 9.49 -8.34 9.49
C GLN A 39 9.31 -8.80 8.04
N ALA A 40 8.12 -9.31 7.72
CA ALA A 40 7.80 -9.76 6.38
C ALA A 40 7.01 -8.73 5.57
N ILE A 41 6.79 -7.54 6.13
CA ILE A 41 5.96 -6.53 5.48
C ILE A 41 6.87 -5.48 4.84
N HIS A 42 6.71 -5.30 3.53
CA HIS A 42 7.55 -4.44 2.73
C HIS A 42 6.71 -3.33 2.11
N VAL A 43 7.24 -2.12 2.09
CA VAL A 43 6.52 -0.99 1.50
C VAL A 43 7.42 -0.25 0.53
N VAL A 44 6.89 0.03 -0.66
CA VAL A 44 7.54 0.85 -1.64
C VAL A 44 6.62 2.01 -1.99
N ILE A 45 7.20 3.21 -2.04
CA ILE A 45 6.48 4.41 -2.42
CA ILE A 45 6.49 4.43 -2.41
C ILE A 45 6.97 4.86 -3.80
N GLU A 46 6.03 5.10 -4.70
CA GLU A 46 6.31 5.64 -6.02
C GLU A 46 5.60 6.97 -6.15
N GLU A 47 6.37 8.04 -6.26
CA GLU A 47 5.79 9.36 -6.41
CA GLU A 47 5.78 9.36 -6.41
C GLU A 47 5.51 9.63 -7.89
N MET A 48 4.40 10.31 -8.15
CA MET A 48 3.96 10.59 -9.52
C MET A 48 3.82 12.08 -9.75
N LYS A 49 4.25 12.53 -10.91
CA LYS A 49 3.98 13.90 -11.34
C LYS A 49 2.50 14.01 -11.74
N PRO A 50 1.88 15.17 -11.50
CA PRO A 50 0.45 15.33 -11.81
C PRO A 50 0.10 15.23 -13.29
N ASN A 51 1.08 15.43 -14.16
CA ASN A 51 0.87 15.25 -15.60
C ASN A 51 1.04 13.78 -16.04
N HIS A 52 1.22 12.86 -15.08
CA HIS A 52 1.38 11.44 -15.38
CA HIS A 52 1.41 11.44 -15.38
C HIS A 52 0.27 10.57 -14.84
N TYR A 53 -0.80 11.16 -14.33
CA TYR A 53 -1.94 10.34 -13.88
C TYR A 53 -3.24 11.10 -13.90
N GLY A 54 -4.31 10.34 -13.93
CA GLY A 54 -5.63 10.92 -13.96
C GLY A 54 -6.72 9.92 -13.66
N VAL A 55 -7.93 10.47 -13.59
CA VAL A 55 -9.15 9.69 -13.42
C VAL A 55 -10.19 10.30 -14.35
N ALA A 56 -11.08 9.44 -14.85
CA ALA A 56 -12.09 9.85 -15.81
C ALA A 56 -11.50 10.45 -17.08
N GLY A 57 -10.26 10.10 -17.40
CA GLY A 57 -9.62 10.54 -18.63
C GLY A 57 -8.96 11.90 -18.56
N VAL A 58 -8.96 12.53 -17.38
CA VAL A 58 -8.41 13.86 -17.20
C VAL A 58 -7.26 13.80 -16.21
N ARG A 59 -6.10 14.34 -16.61
CA ARG A 59 -4.92 14.33 -15.76
C ARG A 59 -5.06 15.37 -14.67
N LYS A 60 -4.43 15.12 -13.53
CA LYS A 60 -4.47 16.09 -12.44
C LYS A 60 -3.85 17.43 -12.85
N SER A 61 -2.84 17.42 -13.71
CA SER A 61 -2.21 18.66 -14.17
C SER A 61 -3.15 19.53 -15.02
N ASP A 62 -4.20 18.93 -15.58
CA ASP A 62 -5.11 19.66 -16.46
C ASP A 62 -6.36 20.15 -15.72
N SER B 1 -4.09 16.83 -7.78
CA SER B 1 -4.75 16.15 -6.62
C SER B 1 -4.07 14.81 -6.32
N MET B 2 -4.07 14.42 -5.04
CA MET B 2 -3.25 13.33 -4.52
CA MET B 2 -3.24 13.32 -4.52
C MET B 2 -3.42 11.93 -5.14
N MET B 3 -4.68 11.49 -5.24
CA MET B 3 -5.08 10.17 -5.77
C MET B 3 -4.18 8.97 -5.41
N PRO B 4 -4.02 8.67 -4.11
CA PRO B 4 -3.20 7.50 -3.81
C PRO B 4 -3.80 6.19 -4.29
N ILE B 5 -2.96 5.35 -4.87
CA ILE B 5 -3.34 4.00 -5.24
C ILE B 5 -2.39 3.04 -4.55
N VAL B 6 -2.96 2.20 -3.68
CA VAL B 6 -2.16 1.27 -2.90
C VAL B 6 -2.44 -0.14 -3.38
N ASN B 7 -1.39 -0.86 -3.74
CA ASN B 7 -1.47 -2.27 -4.08
C ASN B 7 -0.87 -3.07 -2.95
N VAL B 8 -1.59 -4.09 -2.48
CA VAL B 8 -1.08 -4.97 -1.44
C VAL B 8 -1.07 -6.40 -1.97
N LYS B 9 0.12 -6.95 -2.13
CA LYS B 9 0.28 -8.35 -2.50
C LYS B 9 0.44 -9.14 -1.22
N LEU B 10 -0.38 -10.16 -1.02
CA LEU B 10 -0.19 -11.00 0.16
C LEU B 10 -0.74 -12.39 -0.09
N LEU B 11 -0.23 -13.34 0.66
CA LEU B 11 -0.61 -14.73 0.55
C LEU B 11 -2.13 -14.90 0.65
N GLU B 12 -2.70 -15.66 -0.30
CA GLU B 12 -4.11 -16.04 -0.24
C GLU B 12 -4.40 -16.75 1.08
N GLY B 13 -5.59 -16.51 1.64
CA GLY B 13 -5.99 -17.19 2.86
C GLY B 13 -6.59 -16.33 3.94
N ARG B 14 -6.59 -15.01 3.77
CA ARG B 14 -7.30 -14.15 4.70
C ARG B 14 -8.80 -14.20 4.38
N SER B 15 -9.63 -13.98 5.39
CA SER B 15 -11.05 -13.89 5.17
C SER B 15 -11.42 -12.57 4.51
N ASP B 16 -12.61 -12.53 3.92
CA ASP B 16 -13.13 -11.27 3.38
C ASP B 16 -13.22 -10.20 4.46
N GLU B 17 -13.50 -10.60 5.71
CA GLU B 17 -13.61 -9.64 6.80
C GLU B 17 -12.23 -9.02 7.10
N GLN B 18 -11.19 -9.85 7.10
CA GLN B 18 -9.83 -9.35 7.28
C GLN B 18 -9.43 -8.43 6.14
N LEU B 19 -9.82 -8.77 4.91
CA LEU B 19 -9.46 -7.93 3.77
C LEU B 19 -10.25 -6.60 3.81
N LYS B 20 -11.50 -6.63 4.26
CA LYS B 20 -12.29 -5.40 4.51
C LYS B 20 -11.56 -4.48 5.48
N ASN B 21 -11.10 -5.06 6.58
CA ASN B 21 -10.35 -4.30 7.57
C ASN B 21 -9.04 -3.78 7.00
N LEU B 22 -8.36 -4.60 6.20
CA LEU B 22 -7.13 -4.18 5.55
C LEU B 22 -7.35 -2.93 4.68
N VAL B 23 -8.41 -2.95 3.88
CA VAL B 23 -8.74 -1.79 3.06
C VAL B 23 -8.99 -0.55 3.93
N SER B 24 -9.79 -0.71 4.98
CA SER B 24 -10.10 0.42 5.87
C SER B 24 -8.85 0.97 6.55
N GLU B 25 -8.01 0.09 7.06
CA GLU B 25 -6.86 0.53 7.84
C GLU B 25 -5.73 1.08 6.98
N VAL B 26 -5.51 0.51 5.79
CA VAL B 26 -4.54 1.10 4.89
C VAL B 26 -5.03 2.49 4.47
N THR B 27 -6.32 2.64 4.25
CA THR B 27 -6.89 3.94 3.90
C THR B 27 -6.67 4.93 5.05
N ASP B 28 -6.95 4.51 6.28
CA ASP B 28 -6.71 5.35 7.44
C ASP B 28 -5.25 5.80 7.50
N ALA B 29 -4.33 4.87 7.25
CA ALA B 29 -2.90 5.17 7.34
C ALA B 29 -2.49 6.21 6.29
N VAL B 30 -2.96 6.04 5.06
CA VAL B 30 -2.65 6.97 4.00
C VAL B 30 -3.24 8.36 4.29
N GLU B 31 -4.48 8.40 4.72
CA GLU B 31 -5.15 9.65 5.02
C GLU B 31 -4.42 10.42 6.14
N LYS B 32 -4.05 9.71 7.20
CA LYS B 32 -3.38 10.32 8.35
C LYS B 32 -2.02 10.93 7.98
N THR B 33 -1.23 10.15 7.25
CA THR B 33 0.18 10.47 7.11
C THR B 33 0.47 11.41 5.94
N THR B 34 -0.42 11.46 4.95
CA THR B 34 -0.20 12.29 3.77
C THR B 34 -1.20 13.46 3.63
N GLY B 35 -2.34 13.38 4.31
CA GLY B 35 -3.39 14.39 4.18
C GLY B 35 -4.28 14.23 2.95
N ALA B 36 -4.12 13.11 2.24
CA ALA B 36 -4.95 12.85 1.06
C ALA B 36 -6.43 12.78 1.43
N ASN B 37 -7.27 13.33 0.55
CA ASN B 37 -8.71 13.21 0.72
CA ASN B 37 -8.72 13.21 0.68
C ASN B 37 -9.11 11.73 0.66
N ARG B 38 -9.92 11.30 1.63
CA ARG B 38 -10.31 9.88 1.74
C ARG B 38 -10.94 9.36 0.45
N GLN B 39 -11.76 10.18 -0.20
CA GLN B 39 -12.48 9.77 -1.40
C GLN B 39 -11.54 9.47 -2.58
N ALA B 40 -10.29 9.91 -2.48
CA ALA B 40 -9.30 9.71 -3.53
C ALA B 40 -8.30 8.59 -3.23
N ILE B 41 -8.49 7.86 -2.12
CA ILE B 41 -7.56 6.81 -1.73
C ILE B 41 -8.12 5.45 -2.15
N HIS B 42 -7.33 4.71 -2.94
CA HIS B 42 -7.74 3.43 -3.51
C HIS B 42 -6.83 2.34 -2.99
N VAL B 43 -7.41 1.18 -2.70
CA VAL B 43 -6.63 0.04 -2.24
C VAL B 43 -7.04 -1.18 -3.06
N VAL B 44 -6.05 -1.91 -3.59
CA VAL B 44 -6.27 -3.14 -4.32
C VAL B 44 -5.44 -4.24 -3.64
N ILE B 45 -6.09 -5.36 -3.35
CA ILE B 45 -5.43 -6.50 -2.73
C ILE B 45 -5.27 -7.59 -3.80
N GLU B 46 -4.04 -8.00 -4.01
CA GLU B 46 -3.71 -9.07 -4.94
C GLU B 46 -3.22 -10.25 -4.14
N GLU B 47 -3.86 -11.40 -4.31
CA GLU B 47 -3.48 -12.58 -3.54
C GLU B 47 -2.43 -13.44 -4.25
N MET B 48 -1.31 -13.64 -3.56
CA MET B 48 -0.25 -14.52 -4.04
C MET B 48 -0.61 -15.95 -3.70
N LYS B 49 -0.27 -16.88 -4.58
CA LYS B 49 -0.51 -18.28 -4.31
C LYS B 49 0.66 -18.90 -3.56
N PRO B 50 0.36 -19.89 -2.70
CA PRO B 50 1.43 -20.66 -2.11
C PRO B 50 2.38 -21.18 -3.17
N ASN B 51 3.67 -21.19 -2.86
CA ASN B 51 4.70 -21.70 -3.78
C ASN B 51 4.98 -20.82 -4.98
N HIS B 52 4.40 -19.61 -4.99
CA HIS B 52 4.59 -18.67 -6.10
C HIS B 52 5.44 -17.47 -5.71
N TYR B 53 6.14 -17.54 -4.59
CA TYR B 53 6.97 -16.43 -4.17
C TYR B 53 8.03 -16.92 -3.21
N GLY B 54 9.01 -16.07 -2.95
CA GLY B 54 10.05 -16.43 -2.02
C GLY B 54 10.96 -15.28 -1.68
N VAL B 55 11.82 -15.52 -0.70
CA VAL B 55 12.87 -14.60 -0.31
C VAL B 55 14.13 -15.44 -0.09
N ALA B 56 15.28 -14.90 -0.45
CA ALA B 56 16.56 -15.61 -0.32
C ALA B 56 16.62 -16.85 -1.22
N GLY B 57 15.83 -16.85 -2.28
CA GLY B 57 15.84 -17.94 -3.25
C GLY B 57 15.06 -19.18 -2.83
N VAL B 58 14.39 -19.11 -1.69
CA VAL B 58 13.60 -20.22 -1.14
CA VAL B 58 13.58 -20.23 -1.19
C VAL B 58 12.15 -19.80 -1.00
N ARG B 59 11.23 -20.75 -1.12
CA ARG B 59 9.80 -20.46 -1.03
C ARG B 59 9.36 -20.32 0.43
N LYS B 60 9.82 -19.24 1.06
CA LYS B 60 9.45 -18.89 2.42
C LYS B 60 9.38 -17.36 2.53
N SER B 61 8.75 -16.87 3.59
CA SER B 61 8.74 -15.44 3.90
C SER B 61 9.99 -15.10 4.70
N ASP B 62 10.15 -13.82 5.05
CA ASP B 62 11.34 -13.35 5.74
C ASP B 62 11.49 -13.99 7.12
P PO4 C . 4.53 -1.00 -10.77
O1 PO4 C . 4.38 -2.04 -11.85
O2 PO4 C . 5.77 -0.19 -11.04
O3 PO4 C . 3.34 -0.08 -10.83
O4 PO4 C . 4.63 -1.64 -9.41
ZN ZN D . 6.40 1.53 -10.90
ZN ZN E . 11.99 -9.08 3.02
ZN ZN F . 3.86 -5.58 15.80
C ACT G . -5.99 3.37 13.15
O ACT G . -6.45 3.88 12.08
OXT ACT G . -6.60 2.38 13.62
CH3 ACT G . -4.76 3.91 13.81
P PO4 H . 1.47 -5.22 -10.37
O1 PO4 H . 1.80 -5.15 -11.84
O2 PO4 H . 2.74 -5.21 -9.57
O3 PO4 H . 0.64 -4.01 -10.02
O4 PO4 H . 0.68 -6.48 -10.10
ZN ZN I . -0.55 -7.70 -9.82
ZN ZN J . -8.54 -13.24 -1.76
#